data_5UIX
#
_entry.id   5UIX
#
_cell.length_a   87.638
_cell.length_b   149.725
_cell.length_c   74.108
_cell.angle_alpha   90.000
_cell.angle_beta   90.000
_cell.angle_gamma   90.000
#
_symmetry.space_group_name_H-M   'C 2 2 21'
#
loop_
_entity.id
_entity.type
_entity.pdbx_description
1 polymer 'DH576 Fab heavy chain'
2 polymer 'DH576 Fab light chain'
3 water water
#
loop_
_entity_poly.entity_id
_entity_poly.type
_entity_poly.pdbx_seq_one_letter_code
_entity_poly.pdbx_strand_id
1 'polypeptide(L)'
;EVQLVESGGGVVQPGRSLRLSCGVSGFTFSNYAIHWVRQAPGKRLEWVALISYDGKKQYYLDSVKGRFTISRDNSKDMVY
LQMNSLKAEDTAIYYCARDRARSTGYFGGIYYYYYGMDVWGQGTTVTVSGASTKGPSVFPLAPSSKSTSGGTAALGCLVK
DYFPEPVTVSWNSGALTSGVHTFPAVLQSSGLYSLSSVVTVPSSSLGTQTYICNVNHKPSNTKVDKRVEP
;
H
2 'polypeptide(L)'
;DIQMTQSPSSLSASVGDRVTITCQASQDIDNYLNWYQQKPGKAPKLLIYDASNLETGVPSRFSGSGSGTSFTLTISSLQP
EDIGTYYCQKYGSVPFPFGQGTKLEIKRTVAAPSVFIFPPSDEQLKSGTASVVCLLNNFYPREAKVQWKVDNALQSGNSQ
ESVTEQDSKDSTYSLSSTLTLSKADYEKHKVYACEVTHQGLSSPVTKSFNRGEC
;
L
#
# COMPACT_ATOMS: atom_id res chain seq x y z
N GLU A 1 6.22 -20.47 -3.34
CA GLU A 1 5.51 -21.64 -2.86
C GLU A 1 5.30 -21.55 -1.34
N VAL A 2 6.32 -21.07 -0.64
CA VAL A 2 6.20 -20.79 0.79
C VAL A 2 5.38 -19.52 0.98
N GLN A 3 4.26 -19.63 1.67
CA GLN A 3 3.43 -18.45 1.92
C GLN A 3 2.82 -18.43 3.31
N LEU A 4 2.58 -17.21 3.80
CA LEU A 4 1.89 -16.99 5.06
C LEU A 4 0.69 -16.08 4.78
N VAL A 5 -0.44 -16.37 5.42
CA VAL A 5 -1.66 -15.61 5.20
C VAL A 5 -2.28 -15.22 6.53
N GLU A 6 -2.58 -13.92 6.69
CA GLU A 6 -3.14 -13.41 7.93
C GLU A 6 -4.66 -13.22 7.84
N SER A 7 -5.34 -13.49 8.94
CA SER A 7 -6.78 -13.25 9.05
C SER A 7 -7.11 -12.56 10.36
N GLY A 8 -8.34 -12.07 10.48
CA GLY A 8 -8.71 -11.22 11.59
C GLY A 8 -8.86 -9.80 11.05
N GLY A 9 -8.41 -8.81 11.81
CA GLY A 9 -8.42 -7.45 11.34
C GLY A 9 -9.80 -6.82 11.22
N GLY A 10 -9.84 -5.49 11.29
CA GLY A 10 -11.09 -4.75 11.25
C GLY A 10 -11.12 -3.74 12.37
N VAL A 11 -12.24 -3.04 12.54
CA VAL A 11 -12.39 -2.14 13.68
C VAL A 11 -12.61 -2.98 14.92
N VAL A 12 -12.22 -2.38 16.03
CA VAL A 12 -12.30 -2.88 17.36
C VAL A 12 -12.10 -1.57 18.07
N GLN A 13 -12.93 -1.25 19.04
CA GLN A 13 -12.76 0.02 19.72
C GLN A 13 -11.69 -0.10 20.73
N PRO A 14 -11.15 1.05 21.10
CA PRO A 14 -10.10 1.18 22.13
C PRO A 14 -10.55 0.56 23.45
N GLY A 15 -9.67 -0.26 24.04
CA GLY A 15 -9.99 -0.90 25.30
C GLY A 15 -10.29 -2.38 25.17
N ARG A 16 -10.89 -2.78 24.06
CA ARG A 16 -11.24 -4.19 23.87
C ARG A 16 -10.26 -4.95 22.98
N SER A 17 -10.70 -6.08 22.43
CA SER A 17 -9.77 -7.07 21.94
C SER A 17 -10.12 -7.67 20.58
N LEU A 18 -9.08 -8.11 19.86
CA LEU A 18 -9.27 -8.94 18.66
C LEU A 18 -8.17 -9.98 18.52
N ARG A 19 -8.45 -11.07 17.82
CA ARG A 19 -7.52 -12.16 17.68
C ARG A 19 -7.09 -12.34 16.23
N LEU A 20 -5.79 -12.22 15.97
CA LEU A 20 -5.29 -12.38 14.61
C LEU A 20 -4.80 -13.80 14.37
N SER A 21 -5.00 -14.28 13.15
CA SER A 21 -4.55 -15.63 12.80
C SER A 21 -3.56 -15.57 11.64
N CYS A 22 -2.79 -16.64 11.49
CA CYS A 22 -1.85 -16.74 10.39
C CYS A 22 -1.63 -18.20 10.05
N GLY A 23 -2.08 -18.58 8.85
CA GLY A 23 -1.89 -19.94 8.38
C GLY A 23 -0.81 -19.96 7.32
N VAL A 24 -0.01 -21.03 7.31
CA VAL A 24 1.08 -21.11 6.35
C VAL A 24 0.92 -22.29 5.40
N SER A 25 1.59 -22.23 4.25
CA SER A 25 1.59 -23.34 3.31
C SER A 25 2.80 -23.27 2.39
N GLY A 26 3.60 -24.32 2.40
CA GLY A 26 4.74 -24.40 1.50
C GLY A 26 6.06 -24.74 2.15
N PHE A 27 6.10 -24.79 3.47
CA PHE A 27 7.32 -25.11 4.19
C PHE A 27 7.05 -25.91 5.46
N THR A 28 8.12 -26.41 6.08
CA THR A 28 7.99 -27.17 7.30
C THR A 28 7.80 -26.22 8.49
N PHE A 29 6.55 -26.03 8.89
CA PHE A 29 6.18 -25.04 9.91
C PHE A 29 6.80 -25.31 11.28
N SER A 30 7.12 -26.56 11.55
CA SER A 30 7.57 -26.98 12.88
C SER A 30 8.96 -26.45 13.23
N ASN A 31 9.81 -26.23 12.23
CA ASN A 31 11.17 -25.82 12.48
C ASN A 31 11.52 -24.38 12.06
N TYR A 32 10.56 -23.48 12.24
CA TYR A 32 10.79 -22.06 12.02
C TYR A 32 10.09 -21.23 13.09
N ALA A 33 10.78 -20.22 13.61
CA ALA A 33 10.16 -19.29 14.55
C ALA A 33 9.30 -18.31 13.77
N ILE A 34 8.29 -17.74 14.41
CA ILE A 34 7.39 -16.83 13.72
C ILE A 34 7.34 -15.45 14.39
N HIS A 35 7.37 -14.40 13.56
CA HIS A 35 7.29 -13.02 14.02
C HIS A 35 5.94 -12.41 13.71
N TRP A 36 5.51 -11.47 14.54
CA TRP A 36 4.47 -10.53 14.17
C TRP A 36 5.08 -9.15 14.09
N VAL A 37 4.99 -8.54 12.91
CA VAL A 37 5.54 -7.20 12.67
C VAL A 37 4.45 -6.29 12.10
N ARG A 38 4.40 -5.05 12.56
CA ARG A 38 3.35 -4.15 12.11
C ARG A 38 3.86 -2.90 11.43
N GLN A 39 2.96 -2.21 10.72
CA GLN A 39 3.29 -0.94 10.08
C GLN A 39 2.15 0.06 10.21
N ALA A 40 2.38 1.12 10.98
CA ALA A 40 1.43 2.22 11.14
C ALA A 40 1.53 3.12 9.91
N PRO A 41 0.43 3.81 9.55
CA PRO A 41 0.33 4.56 8.30
C PRO A 41 1.45 5.59 8.08
N GLY A 42 1.95 6.19 9.16
CA GLY A 42 3.02 7.15 9.03
C GLY A 42 4.33 6.68 9.64
N LYS A 43 4.36 5.43 10.08
CA LYS A 43 5.53 4.91 10.79
C LYS A 43 6.27 3.79 10.06
N ARG A 44 7.51 3.55 10.48
CA ARG A 44 8.36 2.49 9.93
C ARG A 44 7.84 1.12 10.34
N LEU A 45 8.51 0.08 9.87
CA LEU A 45 8.21 -1.27 10.29
C LEU A 45 8.53 -1.42 11.77
N GLU A 46 7.61 -2.03 12.52
CA GLU A 46 7.78 -2.20 13.95
C GLU A 46 7.53 -3.65 14.32
N TRP A 47 8.58 -4.32 14.79
CA TRP A 47 8.44 -5.69 15.24
C TRP A 47 7.58 -5.72 16.51
N VAL A 48 6.73 -6.74 16.63
CA VAL A 48 5.76 -6.81 17.72
C VAL A 48 5.96 -8.05 18.59
N ALA A 49 5.90 -9.22 17.98
CA ALA A 49 5.99 -10.45 18.77
C ALA A 49 6.85 -11.52 18.11
N LEU A 50 7.23 -12.52 18.89
CA LEU A 50 8.07 -13.61 18.41
C LEU A 50 7.80 -14.89 19.18
N ILE A 51 7.51 -15.97 18.47
CA ILE A 51 7.38 -17.27 19.12
C ILE A 51 8.34 -18.28 18.50
N SER A 52 9.00 -19.06 19.35
CA SER A 52 9.95 -20.09 18.91
C SER A 52 9.29 -21.12 18.01
N TYR A 53 10.11 -21.96 17.38
CA TYR A 53 9.61 -22.99 16.50
C TYR A 53 8.86 -24.06 17.29
N ASP A 54 9.11 -24.12 18.59
CA ASP A 54 8.35 -24.98 19.50
C ASP A 54 7.43 -24.15 20.40
N GLY A 55 7.76 -24.09 21.69
CA GLY A 55 6.99 -23.29 22.63
C GLY A 55 7.88 -22.37 23.44
N LYS A 56 8.06 -21.15 22.93
CA LYS A 56 8.78 -20.10 23.64
C LYS A 56 8.48 -18.75 22.99
N LYS A 57 7.91 -17.85 23.78
CA LYS A 57 7.57 -16.53 23.27
C LYS A 57 8.71 -15.59 23.62
N GLN A 58 9.83 -15.81 22.94
CA GLN A 58 11.11 -15.16 23.27
C GLN A 58 11.05 -13.66 23.36
N TYR A 59 9.87 -13.09 23.05
CA TYR A 59 9.76 -11.65 23.00
C TYR A 59 8.36 -11.09 22.72
N TYR A 60 8.08 -9.96 23.34
CA TYR A 60 7.03 -9.05 22.93
C TYR A 60 7.66 -7.68 22.93
N LEU A 61 7.20 -6.79 22.04
CA LEU A 61 7.58 -5.39 22.11
C LEU A 61 7.14 -4.88 23.47
N ASP A 62 8.00 -4.08 24.12
CA ASP A 62 7.75 -3.65 25.50
C ASP A 62 6.38 -2.97 25.67
N SER A 63 5.88 -2.35 24.59
CA SER A 63 4.62 -1.63 24.64
C SER A 63 3.40 -2.53 24.55
N VAL A 64 3.63 -3.83 24.39
CA VAL A 64 2.53 -4.81 24.36
C VAL A 64 2.79 -5.99 25.29
N LYS A 65 3.78 -5.84 26.17
CA LYS A 65 4.31 -6.94 26.98
C LYS A 65 3.25 -7.72 27.78
N GLY A 66 2.21 -7.03 28.23
CA GLY A 66 1.16 -7.70 28.97
C GLY A 66 -0.20 -7.64 28.29
N ARG A 67 -0.24 -6.97 27.14
CA ARG A 67 -1.48 -6.80 26.39
C ARG A 67 -1.68 -7.89 25.33
N PHE A 68 -0.64 -8.16 24.57
CA PHE A 68 -0.70 -9.17 23.51
C PHE A 68 -0.16 -10.51 23.99
N THR A 69 -0.70 -11.59 23.44
CA THR A 69 -0.15 -12.92 23.69
C THR A 69 -0.09 -13.71 22.39
N ILE A 70 1.10 -14.18 22.03
CA ILE A 70 1.30 -14.91 20.77
C ILE A 70 1.27 -16.42 20.99
N SER A 71 0.51 -17.13 20.16
CA SER A 71 0.37 -18.57 20.32
C SER A 71 0.65 -19.32 19.04
N ARG A 72 0.67 -20.65 19.12
CA ARG A 72 1.10 -21.47 17.99
C ARG A 72 0.60 -22.90 18.10
N ASP A 73 0.32 -23.50 16.95
CA ASP A 73 -0.07 -24.90 16.87
C ASP A 73 0.65 -25.53 15.68
N ASN A 74 1.55 -26.47 15.98
CA ASN A 74 2.36 -27.14 14.98
C ASN A 74 1.65 -28.34 14.35
N SER A 75 0.44 -28.62 14.82
CA SER A 75 -0.37 -29.69 14.25
C SER A 75 -1.28 -29.14 13.16
N LYS A 76 -1.65 -27.87 13.29
CA LYS A 76 -2.53 -27.22 12.32
C LYS A 76 -1.81 -26.19 11.46
N ASP A 77 -0.49 -26.06 11.65
CA ASP A 77 0.30 -25.02 11.00
C ASP A 77 -0.33 -23.65 11.20
N MET A 78 -0.49 -23.25 12.45
CA MET A 78 -1.17 -21.98 12.74
C MET A 78 -0.44 -21.15 13.78
N VAL A 79 -0.39 -19.84 13.57
CA VAL A 79 0.17 -18.94 14.58
C VAL A 79 -0.84 -17.82 14.86
N TYR A 80 -1.10 -17.56 16.15
CA TYR A 80 -2.10 -16.58 16.52
C TYR A 80 -1.50 -15.41 17.31
N LEU A 81 -2.21 -14.29 17.30
CA LEU A 81 -1.84 -13.14 18.12
C LEU A 81 -3.09 -12.56 18.76
N GLN A 82 -3.28 -12.87 20.04
CA GLN A 82 -4.39 -12.30 20.79
C GLN A 82 -4.02 -10.90 21.26
N MET A 83 -4.81 -9.92 20.83
CA MET A 83 -4.57 -8.53 21.21
C MET A 83 -5.67 -8.04 22.15
N ASN A 84 -5.29 -7.71 23.39
CA ASN A 84 -6.24 -7.19 24.36
C ASN A 84 -5.89 -5.75 24.71
N SER A 85 -6.84 -5.03 25.29
CA SER A 85 -6.65 -3.63 25.71
C SER A 85 -6.03 -2.77 24.60
N LEU A 86 -6.56 -2.91 23.39
CA LEU A 86 -6.01 -2.22 22.23
C LEU A 86 -6.10 -0.71 22.36
N LYS A 87 -5.15 -0.02 21.73
CA LYS A 87 -5.16 1.44 21.68
C LYS A 87 -4.91 1.94 20.26
N ALA A 88 -5.05 3.25 20.07
CA ALA A 88 -4.80 3.85 18.75
C ALA A 88 -3.37 3.62 18.29
N GLU A 89 -2.46 3.45 19.25
CA GLU A 89 -1.06 3.18 18.93
C GLU A 89 -0.88 1.79 18.33
N ASP A 90 -1.92 0.95 18.48
CA ASP A 90 -1.88 -0.40 17.95
C ASP A 90 -2.48 -0.47 16.53
N THR A 91 -3.06 0.64 16.08
CA THR A 91 -3.61 0.72 14.73
C THR A 91 -2.51 0.64 13.67
N ALA A 92 -2.54 -0.44 12.89
CA ALA A 92 -1.51 -0.68 11.88
C ALA A 92 -1.90 -1.83 10.97
N ILE A 93 -1.02 -2.15 10.03
CA ILE A 93 -1.14 -3.38 9.26
C ILE A 93 -0.22 -4.43 9.86
N TYR A 94 -0.78 -5.59 10.19
CA TYR A 94 -0.04 -6.65 10.88
C TYR A 94 0.31 -7.81 9.95
N TYR A 95 1.61 -8.10 9.82
CA TYR A 95 2.09 -9.23 9.06
C TYR A 95 2.62 -10.30 10.00
N CYS A 96 2.40 -11.57 9.65
CA CYS A 96 3.12 -12.67 10.26
C CYS A 96 4.25 -13.03 9.32
N ALA A 97 5.44 -13.28 9.87
CA ALA A 97 6.62 -13.50 9.04
C ALA A 97 7.47 -14.65 9.55
N ARG A 98 7.97 -15.48 8.64
CA ARG A 98 8.83 -16.59 9.02
C ARG A 98 10.26 -16.13 9.25
N ASP A 99 10.89 -16.59 10.33
CA ASP A 99 12.30 -16.30 10.58
C ASP A 99 13.18 -17.15 9.65
N ARG A 100 14.24 -16.56 9.13
CA ARG A 100 15.11 -17.26 8.17
C ARG A 100 15.83 -18.46 8.78
N ALA A 101 16.07 -18.42 10.09
CA ALA A 101 16.77 -19.50 10.77
C ALA A 101 15.93 -20.76 10.85
N ARG A 102 16.52 -21.89 10.47
CA ARG A 102 15.81 -23.17 10.45
C ARG A 102 15.81 -23.86 11.82
N SER A 103 16.57 -24.93 11.97
CA SER A 103 16.60 -25.69 13.22
C SER A 103 17.81 -26.60 13.36
N THR A 104 18.00 -27.47 12.38
CA THR A 104 19.06 -28.49 12.38
C THR A 104 18.89 -29.55 13.49
N GLY A 105 19.99 -30.16 13.90
CA GLY A 105 19.95 -31.26 14.85
C GLY A 105 20.02 -30.87 16.31
N TYR A 106 19.46 -31.72 17.16
CA TYR A 106 19.37 -31.43 18.59
C TYR A 106 20.70 -31.39 19.33
N PHE A 107 21.17 -32.55 19.82
CA PHE A 107 22.33 -32.66 20.70
C PHE A 107 22.00 -32.08 22.07
N GLY A 108 22.12 -30.76 22.13
CA GLY A 108 21.77 -30.05 23.33
C GLY A 108 20.27 -29.87 23.23
N GLY A 109 19.75 -28.86 23.91
CA GLY A 109 18.34 -28.60 23.84
C GLY A 109 18.15 -27.97 22.49
N ILE A 110 16.99 -27.38 22.24
CA ILE A 110 16.77 -26.74 20.96
C ILE A 110 17.67 -25.51 21.15
N TYR A 111 17.99 -24.76 20.12
CA TYR A 111 18.93 -23.63 20.31
C TYR A 111 18.45 -22.19 20.32
N TYR A 112 17.49 -21.84 19.47
CA TYR A 112 16.91 -20.50 19.31
C TYR A 112 17.94 -19.45 18.88
N TYR A 113 18.12 -19.26 17.57
CA TYR A 113 19.06 -18.26 17.07
C TYR A 113 18.37 -16.93 16.75
N TYR A 114 17.47 -17.00 15.77
CA TYR A 114 16.76 -15.84 15.19
C TYR A 114 17.60 -15.02 14.21
N TYR A 115 17.48 -15.36 12.92
CA TYR A 115 18.19 -14.66 11.87
C TYR A 115 17.34 -13.49 11.33
N GLY A 116 16.13 -13.36 11.84
CA GLY A 116 15.34 -12.16 11.64
C GLY A 116 14.48 -12.05 10.39
N MET A 117 13.62 -13.04 10.16
CA MET A 117 12.55 -12.99 9.16
C MET A 117 12.94 -12.82 7.68
N ASP A 118 12.44 -13.74 6.85
CA ASP A 118 12.73 -13.75 5.41
C ASP A 118 11.47 -13.61 4.56
N VAL A 119 10.46 -14.43 4.85
CA VAL A 119 9.22 -14.45 4.07
C VAL A 119 8.04 -13.90 4.87
N TRP A 120 7.32 -12.96 4.28
CA TRP A 120 6.22 -12.27 4.97
C TRP A 120 4.88 -12.66 4.37
N GLY A 121 3.81 -12.37 5.12
CA GLY A 121 2.46 -12.55 4.60
C GLY A 121 1.93 -11.27 3.99
N GLN A 122 0.74 -11.32 3.42
CA GLN A 122 0.14 -10.16 2.78
C GLN A 122 -0.22 -9.09 3.82
N GLY A 123 -0.52 -9.54 5.04
CA GLY A 123 -0.87 -8.64 6.11
C GLY A 123 -2.37 -8.53 6.31
N THR A 124 -2.78 -8.06 7.48
CA THR A 124 -4.18 -7.76 7.75
C THR A 124 -4.28 -6.44 8.51
N THR A 125 -5.25 -5.62 8.13
CA THR A 125 -5.38 -4.27 8.67
C THR A 125 -6.18 -4.24 9.97
N VAL A 126 -5.63 -3.61 11.00
CA VAL A 126 -6.32 -3.47 12.27
C VAL A 126 -6.49 -1.98 12.59
N THR A 127 -7.75 -1.55 12.69
CA THR A 127 -8.05 -0.16 13.02
C THR A 127 -8.67 -0.06 14.40
N VAL A 128 -8.04 0.70 15.28
CA VAL A 128 -8.58 0.92 16.62
C VAL A 128 -9.26 2.28 16.64
N SER A 129 -10.59 2.28 16.62
CA SER A 129 -11.35 3.51 16.55
C SER A 129 -12.68 3.38 17.30
N GLY A 130 -13.21 4.51 17.76
CA GLY A 130 -14.53 4.55 18.34
C GLY A 130 -15.56 4.82 17.27
N ALA A 131 -15.10 4.93 16.03
CA ALA A 131 -15.98 5.21 14.89
C ALA A 131 -16.66 3.94 14.37
N SER A 132 -17.80 4.13 13.70
CA SER A 132 -18.60 3.02 13.21
C SER A 132 -18.17 2.60 11.81
N THR A 133 -18.17 1.28 11.57
CA THR A 133 -17.85 0.78 10.24
C THR A 133 -18.96 1.14 9.26
N LYS A 134 -18.59 1.62 8.08
CA LYS A 134 -19.56 1.91 7.04
C LYS A 134 -19.18 1.24 5.72
N GLY A 135 -20.16 0.63 5.06
CA GLY A 135 -19.93 0.07 3.74
C GLY A 135 -19.91 1.16 2.70
N PRO A 136 -19.15 0.95 1.62
CA PRO A 136 -19.02 1.98 0.58
C PRO A 136 -20.18 1.96 -0.39
N SER A 137 -20.53 3.12 -0.93
CA SER A 137 -21.38 3.17 -2.12
C SER A 137 -20.44 3.11 -3.31
N VAL A 138 -20.84 2.38 -4.34
CA VAL A 138 -20.02 2.26 -5.54
C VAL A 138 -20.73 2.89 -6.75
N PHE A 139 -20.11 3.93 -7.31
CA PHE A 139 -20.72 4.67 -8.41
C PHE A 139 -19.91 4.47 -9.69
N PRO A 140 -20.59 4.53 -10.86
CA PRO A 140 -19.83 4.40 -12.10
C PRO A 140 -19.14 5.70 -12.51
N LEU A 141 -17.98 5.57 -13.15
CA LEU A 141 -17.30 6.66 -13.82
C LEU A 141 -17.27 6.34 -15.31
N ALA A 142 -18.29 6.83 -16.03
CA ALA A 142 -18.51 6.48 -17.44
C ALA A 142 -18.01 7.56 -18.40
N PRO A 143 -17.58 7.15 -19.61
CA PRO A 143 -17.06 8.05 -20.64
C PRO A 143 -18.14 8.45 -21.63
N SER A 144 -17.75 8.80 -22.85
CA SER A 144 -18.70 9.23 -23.87
C SER A 144 -18.23 8.85 -25.27
N SER A 149 -15.98 6.46 -33.96
CA SER A 149 -15.53 6.59 -32.58
C SER A 149 -14.08 6.17 -32.44
N GLY A 150 -13.25 7.07 -31.92
CA GLY A 150 -11.82 6.80 -31.82
C GLY A 150 -11.16 7.32 -30.55
N GLY A 151 -9.94 6.85 -30.31
CA GLY A 151 -9.14 7.28 -29.18
C GLY A 151 -8.97 6.22 -28.11
N THR A 152 -8.46 6.63 -26.95
CA THR A 152 -8.38 5.75 -25.79
C THR A 152 -9.43 6.18 -24.77
N ALA A 153 -10.33 5.27 -24.40
CA ALA A 153 -11.37 5.59 -23.42
C ALA A 153 -10.93 5.21 -22.01
N ALA A 154 -11.45 5.93 -21.02
CA ALA A 154 -11.18 5.62 -19.62
C ALA A 154 -12.47 5.33 -18.87
N LEU A 155 -12.47 4.24 -18.10
CA LEU A 155 -13.62 3.85 -17.30
C LEU A 155 -13.23 3.88 -15.85
N GLY A 156 -14.21 3.87 -14.94
CA GLY A 156 -13.88 3.88 -13.53
C GLY A 156 -15.00 3.50 -12.58
N CYS A 157 -14.62 3.34 -11.32
CA CYS A 157 -15.56 3.13 -10.22
C CYS A 157 -15.17 3.99 -9.04
N LEU A 158 -16.14 4.73 -8.51
CA LEU A 158 -15.92 5.56 -7.34
C LEU A 158 -16.41 4.81 -6.10
N VAL A 159 -15.48 4.42 -5.25
CA VAL A 159 -15.78 3.73 -4.00
C VAL A 159 -15.80 4.76 -2.88
N LYS A 160 -17.00 5.22 -2.51
CA LYS A 160 -17.16 6.40 -1.66
C LYS A 160 -17.80 6.11 -0.31
N ASP A 161 -17.36 6.85 0.70
CA ASP A 161 -17.93 6.80 2.05
C ASP A 161 -17.88 5.42 2.68
N TYR A 162 -16.68 4.96 3.04
CA TYR A 162 -16.51 3.69 3.74
C TYR A 162 -15.50 3.80 4.87
N PHE A 163 -15.62 2.89 5.84
CA PHE A 163 -14.71 2.83 6.95
C PHE A 163 -14.77 1.44 7.57
N PRO A 164 -13.61 0.87 7.93
CA PRO A 164 -12.31 1.49 7.73
C PRO A 164 -11.67 0.92 6.48
N GLU A 165 -10.38 1.21 6.30
CA GLU A 165 -9.62 0.61 5.21
C GLU A 165 -9.37 -0.87 5.52
N PRO A 166 -9.14 -1.69 4.48
CA PRO A 166 -9.11 -1.29 3.08
C PRO A 166 -10.29 -1.83 2.29
N VAL A 167 -10.34 -1.44 1.02
CA VAL A 167 -11.24 -2.09 0.06
C VAL A 167 -10.39 -2.68 -1.04
N THR A 168 -10.89 -3.72 -1.69
CA THR A 168 -10.21 -4.25 -2.87
C THR A 168 -11.09 -3.99 -4.08
N VAL A 169 -10.46 -3.75 -5.22
CA VAL A 169 -11.20 -3.55 -6.46
C VAL A 169 -10.59 -4.39 -7.57
N SER A 170 -11.40 -5.22 -8.20
CA SER A 170 -10.95 -5.95 -9.39
C SER A 170 -11.80 -5.55 -10.58
N TRP A 171 -11.45 -6.04 -11.77
CA TRP A 171 -12.19 -5.69 -12.97
C TRP A 171 -12.51 -6.92 -13.80
N ASN A 172 -13.78 -7.09 -14.12
CA ASN A 172 -14.27 -8.28 -14.82
C ASN A 172 -13.87 -9.56 -14.09
N SER A 173 -14.03 -9.54 -12.77
CA SER A 173 -13.75 -10.67 -11.90
C SER A 173 -12.31 -11.19 -12.02
N GLY A 174 -11.37 -10.27 -12.14
CA GLY A 174 -9.96 -10.62 -12.15
C GLY A 174 -9.41 -10.87 -13.54
N ALA A 175 -10.27 -10.80 -14.55
CA ALA A 175 -9.85 -11.05 -15.93
C ALA A 175 -9.14 -9.84 -16.52
N LEU A 176 -9.60 -8.65 -16.17
CA LEU A 176 -9.01 -7.41 -16.67
C LEU A 176 -8.04 -6.84 -15.63
N THR A 177 -6.76 -6.83 -15.98
CA THR A 177 -5.73 -6.32 -15.08
C THR A 177 -4.92 -5.20 -15.73
N SER A 178 -4.71 -5.32 -17.04
CA SER A 178 -3.90 -4.36 -17.78
C SER A 178 -4.59 -3.01 -17.89
N GLY A 179 -3.85 -1.94 -17.61
CA GLY A 179 -4.37 -0.59 -17.72
C GLY A 179 -5.16 -0.13 -16.50
N VAL A 180 -5.25 -0.99 -15.49
CA VAL A 180 -5.97 -0.64 -14.27
C VAL A 180 -5.11 0.24 -13.35
N HIS A 181 -5.67 1.36 -12.92
CA HIS A 181 -5.07 2.19 -11.89
C HIS A 181 -6.05 2.36 -10.74
N THR A 182 -5.76 1.68 -9.63
CA THR A 182 -6.56 1.85 -8.42
C THR A 182 -5.84 2.80 -7.47
N PHE A 183 -6.49 3.92 -7.16
CA PHE A 183 -5.85 4.99 -6.42
C PHE A 183 -5.90 4.78 -4.92
N PRO A 184 -4.87 5.26 -4.20
CA PRO A 184 -4.85 5.21 -2.74
C PRO A 184 -6.05 5.95 -2.18
N ALA A 185 -6.67 5.40 -1.14
CA ALA A 185 -7.86 6.02 -0.56
C ALA A 185 -7.56 7.39 0.01
N VAL A 186 -8.56 8.26 0.00
CA VAL A 186 -8.45 9.62 0.52
C VAL A 186 -9.38 9.79 1.73
N LEU A 187 -8.88 10.42 2.79
CA LEU A 187 -9.69 10.62 3.99
C LEU A 187 -10.49 11.91 3.91
N GLN A 188 -11.79 11.79 3.68
CA GLN A 188 -12.66 12.95 3.56
C GLN A 188 -12.84 13.65 4.91
N SER A 189 -13.39 14.85 4.89
CA SER A 189 -13.65 15.58 6.12
C SER A 189 -14.67 14.87 7.00
N SER A 190 -15.45 13.97 6.39
CA SER A 190 -16.46 13.21 7.12
C SER A 190 -15.81 12.09 7.93
N GLY A 191 -14.52 11.86 7.71
CA GLY A 191 -13.82 10.80 8.39
C GLY A 191 -14.05 9.47 7.69
N LEU A 192 -14.56 9.56 6.47
CA LEU A 192 -14.81 8.37 5.66
C LEU A 192 -13.87 8.34 4.46
N TYR A 193 -13.36 7.16 4.13
CA TYR A 193 -12.44 7.03 3.01
C TYR A 193 -13.19 7.03 1.68
N SER A 194 -12.53 7.57 0.65
CA SER A 194 -13.08 7.54 -0.70
C SER A 194 -11.98 7.15 -1.68
N LEU A 195 -12.36 6.38 -2.69
CA LEU A 195 -11.37 5.78 -3.58
C LEU A 195 -11.94 5.68 -5.00
N SER A 196 -11.06 5.79 -5.99
CA SER A 196 -11.45 5.56 -7.37
C SER A 196 -10.57 4.49 -8.00
N SER A 197 -11.14 3.71 -8.89
CA SER A 197 -10.37 2.72 -9.63
C SER A 197 -10.70 2.87 -11.11
N VAL A 198 -9.71 3.28 -11.90
CA VAL A 198 -9.90 3.51 -13.31
C VAL A 198 -9.22 2.45 -14.16
N VAL A 199 -9.52 2.46 -15.46
CA VAL A 199 -8.88 1.56 -16.42
C VAL A 199 -9.01 2.15 -17.82
N THR A 200 -7.89 2.22 -18.54
CA THR A 200 -7.89 2.72 -19.90
C THR A 200 -8.02 1.57 -20.89
N VAL A 201 -9.10 1.59 -21.67
CA VAL A 201 -9.32 0.57 -22.69
C VAL A 201 -9.54 1.24 -24.04
N PRO A 202 -9.27 0.51 -25.14
CA PRO A 202 -9.54 1.06 -26.47
C PRO A 202 -11.00 1.45 -26.62
N SER A 203 -11.28 2.59 -27.24
CA SER A 203 -12.64 3.09 -27.38
C SER A 203 -13.53 2.15 -28.18
N SER A 204 -12.94 1.48 -29.17
CA SER A 204 -13.66 0.56 -30.03
C SER A 204 -14.35 -0.56 -29.24
N SER A 205 -13.79 -0.88 -28.07
CA SER A 205 -14.33 -1.96 -27.25
C SER A 205 -15.59 -1.55 -26.48
N LEU A 206 -15.89 -0.26 -26.46
CA LEU A 206 -17.01 0.25 -25.65
C LEU A 206 -18.37 -0.30 -26.09
N GLY A 207 -18.46 -0.79 -27.31
CA GLY A 207 -19.71 -1.35 -27.80
C GLY A 207 -19.69 -2.86 -27.88
N THR A 208 -18.55 -3.45 -27.54
CA THR A 208 -18.38 -4.90 -27.60
C THR A 208 -18.12 -5.52 -26.23
N GLN A 209 -17.05 -5.09 -25.57
CA GLN A 209 -16.67 -5.64 -24.27
C GLN A 209 -17.51 -5.05 -23.12
N THR A 210 -17.76 -5.86 -22.10
CA THR A 210 -18.44 -5.39 -20.90
C THR A 210 -17.44 -5.13 -19.78
N TYR A 211 -17.61 -4.02 -19.06
CA TYR A 211 -16.65 -3.61 -18.04
C TYR A 211 -17.30 -3.47 -16.66
N ILE A 212 -16.89 -4.35 -15.74
CA ILE A 212 -17.51 -4.40 -14.43
C ILE A 212 -16.46 -4.33 -13.32
N CYS A 213 -16.66 -3.42 -12.38
CA CYS A 213 -15.76 -3.36 -11.23
C CYS A 213 -16.34 -4.18 -10.07
N ASN A 214 -15.45 -4.87 -9.36
CA ASN A 214 -15.83 -5.66 -8.21
C ASN A 214 -15.20 -5.09 -6.96
N VAL A 215 -16.04 -4.53 -6.09
CA VAL A 215 -15.60 -3.87 -4.87
C VAL A 215 -15.86 -4.73 -3.65
N ASN A 216 -14.80 -5.02 -2.90
CA ASN A 216 -14.93 -5.78 -1.66
C ASN A 216 -14.49 -4.98 -0.44
N HIS A 217 -15.41 -4.81 0.51
CA HIS A 217 -15.09 -4.19 1.79
C HIS A 217 -15.39 -5.18 2.91
N LYS A 218 -14.38 -6.00 3.23
CA LYS A 218 -14.51 -7.04 4.25
C LYS A 218 -15.11 -6.63 5.61
N PRO A 219 -14.64 -5.52 6.20
CA PRO A 219 -15.12 -5.17 7.55
C PRO A 219 -16.63 -4.99 7.67
N SER A 220 -17.31 -4.76 6.56
CA SER A 220 -18.76 -4.64 6.57
C SER A 220 -19.40 -5.72 5.70
N ASN A 221 -18.60 -6.73 5.34
CA ASN A 221 -19.01 -7.77 4.40
C ASN A 221 -19.70 -7.21 3.15
N THR A 222 -19.08 -6.20 2.56
CA THR A 222 -19.60 -5.57 1.35
C THR A 222 -18.95 -6.18 0.10
N LYS A 223 -19.78 -6.63 -0.84
CA LYS A 223 -19.30 -7.10 -2.13
C LYS A 223 -20.25 -6.61 -3.21
N VAL A 224 -19.82 -5.63 -3.98
CA VAL A 224 -20.66 -5.02 -5.00
C VAL A 224 -20.06 -5.21 -6.39
N ASP A 225 -20.89 -5.58 -7.35
CA ASP A 225 -20.48 -5.57 -8.76
C ASP A 225 -21.16 -4.39 -9.43
N LYS A 226 -20.39 -3.60 -10.18
CA LYS A 226 -20.96 -2.46 -10.88
C LYS A 226 -20.58 -2.46 -12.35
N ARG A 227 -21.58 -2.38 -13.18
CA ARG A 227 -21.40 -2.33 -14.60
C ARG A 227 -21.19 -0.91 -15.01
N VAL A 228 -20.06 -0.61 -15.62
CA VAL A 228 -19.81 0.74 -16.10
C VAL A 228 -20.00 0.80 -17.60
N GLU A 229 -20.96 1.61 -18.03
CA GLU A 229 -21.28 1.76 -19.45
C GLU A 229 -21.43 3.23 -19.81
N PRO A 230 -21.02 3.61 -21.03
CA PRO A 230 -21.13 4.99 -21.50
C PRO A 230 -22.59 5.46 -21.57
N ASP B 1 20.33 0.46 24.42
CA ASP B 1 19.19 0.31 23.53
C ASP B 1 19.54 0.81 22.12
N ILE B 2 19.63 -0.12 21.17
CA ILE B 2 20.18 0.17 19.85
C ILE B 2 19.19 0.84 18.89
N GLN B 3 19.64 1.94 18.28
CA GLN B 3 18.84 2.67 17.30
C GLN B 3 19.42 2.54 15.90
N MET B 4 18.55 2.40 14.91
CA MET B 4 18.98 2.31 13.51
C MET B 4 18.57 3.57 12.77
N THR B 5 19.56 4.23 12.17
CA THR B 5 19.34 5.50 11.49
C THR B 5 19.62 5.36 9.99
N GLN B 6 18.56 5.35 9.19
CA GLN B 6 18.70 5.23 7.74
C GLN B 6 18.84 6.60 7.08
N SER B 7 19.49 6.61 5.92
CA SER B 7 19.64 7.84 5.14
C SER B 7 19.95 7.52 3.70
N PRO B 8 19.40 8.32 2.76
CA PRO B 8 18.47 9.42 3.01
C PRO B 8 17.07 8.89 3.30
N SER B 9 16.11 9.78 3.52
CA SER B 9 14.72 9.37 3.70
C SER B 9 14.09 9.05 2.35
N SER B 10 14.35 9.91 1.37
CA SER B 10 13.88 9.69 0.00
C SER B 10 15.02 9.88 -0.98
N LEU B 11 14.85 9.35 -2.18
CA LEU B 11 15.94 9.26 -3.14
C LEU B 11 15.36 9.00 -4.52
N SER B 12 15.88 9.71 -5.52
CA SER B 12 15.39 9.56 -6.89
C SER B 12 16.54 9.49 -7.85
N ALA B 13 16.46 8.59 -8.83
CA ALA B 13 17.53 8.48 -9.83
C ALA B 13 17.08 7.87 -11.16
N SER B 14 17.75 8.26 -12.24
CA SER B 14 17.45 7.73 -13.57
C SER B 14 17.76 6.24 -13.66
N VAL B 15 17.29 5.61 -14.73
CA VAL B 15 17.49 4.18 -14.93
C VAL B 15 18.95 3.87 -15.27
N GLY B 16 19.54 2.92 -14.54
CA GLY B 16 20.91 2.52 -14.78
C GLY B 16 21.92 3.29 -13.96
N ASP B 17 21.44 4.28 -13.21
CA ASP B 17 22.31 5.06 -12.33
C ASP B 17 22.65 4.27 -11.06
N ARG B 18 23.72 4.69 -10.39
CA ARG B 18 24.14 4.07 -9.14
C ARG B 18 23.40 4.75 -7.99
N VAL B 19 22.97 3.95 -7.02
CA VAL B 19 22.21 4.47 -5.89
C VAL B 19 22.69 3.82 -4.60
N THR B 20 22.88 4.63 -3.57
CA THR B 20 23.36 4.12 -2.28
C THR B 20 22.51 4.59 -1.12
N ILE B 21 22.08 3.63 -0.29
CA ILE B 21 21.34 3.91 0.92
C ILE B 21 22.16 3.38 2.08
N THR B 22 22.22 4.14 3.18
CA THR B 22 23.03 3.72 4.32
C THR B 22 22.26 3.59 5.63
N CYS B 23 22.61 2.55 6.39
CA CYS B 23 22.03 2.30 7.70
C CYS B 23 23.09 2.49 8.75
N GLN B 24 22.75 3.15 9.85
CA GLN B 24 23.71 3.35 10.92
C GLN B 24 23.21 2.77 12.24
N ALA B 25 24.01 1.90 12.85
CA ALA B 25 23.66 1.36 14.15
C ALA B 25 24.30 2.21 15.25
N SER B 26 23.55 2.47 16.31
CA SER B 26 24.04 3.27 17.43
C SER B 26 25.29 2.65 18.05
N GLN B 27 25.42 1.33 17.93
CA GLN B 27 26.61 0.63 18.39
C GLN B 27 26.96 -0.54 17.48
N ASP B 28 28.15 -1.09 17.68
CA ASP B 28 28.65 -2.22 16.91
C ASP B 28 27.67 -3.39 16.91
N ILE B 29 27.27 -3.82 15.72
CA ILE B 29 26.39 -4.99 15.58
C ILE B 29 26.99 -6.01 14.63
N ASP B 30 28.30 -5.91 14.41
CA ASP B 30 29.03 -6.82 13.54
C ASP B 30 28.43 -6.87 12.14
N ASN B 31 27.76 -7.98 11.82
CA ASN B 31 27.15 -8.16 10.50
C ASN B 31 25.70 -8.62 10.60
N TYR B 32 25.09 -8.41 11.76
CA TYR B 32 23.70 -8.80 11.96
C TYR B 32 22.74 -7.76 11.38
N LEU B 33 22.74 -7.62 10.06
CA LEU B 33 21.88 -6.63 9.43
C LEU B 33 21.22 -7.14 8.14
N ASN B 34 19.90 -7.05 8.09
CA ASN B 34 19.16 -7.40 6.89
C ASN B 34 18.65 -6.16 6.18
N TRP B 35 18.51 -6.26 4.85
CA TRP B 35 17.85 -5.23 4.07
C TRP B 35 16.54 -5.77 3.51
N TYR B 36 15.50 -4.94 3.55
CA TYR B 36 14.19 -5.32 3.07
C TYR B 36 13.69 -4.34 2.02
N GLN B 37 13.05 -4.89 1.00
CA GLN B 37 12.45 -4.10 -0.07
C GLN B 37 10.93 -4.22 -0.03
N GLN B 38 10.27 -3.12 0.24
CA GLN B 38 8.81 -3.07 0.20
C GLN B 38 8.35 -2.35 -1.05
N LYS B 39 7.95 -3.13 -2.04
CA LYS B 39 7.41 -2.60 -3.28
C LYS B 39 6.02 -2.05 -3.03
N PRO B 40 5.62 -1.03 -3.82
CA PRO B 40 4.29 -0.42 -3.67
C PRO B 40 3.16 -1.44 -3.75
N GLY B 41 2.36 -1.50 -2.69
CA GLY B 41 1.24 -2.43 -2.63
C GLY B 41 1.56 -3.73 -1.93
N LYS B 42 2.83 -4.12 -1.90
CA LYS B 42 3.21 -5.44 -1.40
C LYS B 42 3.89 -5.42 -0.04
N ALA B 43 4.02 -6.61 0.55
CA ALA B 43 4.71 -6.79 1.83
C ALA B 43 6.20 -6.73 1.61
N PRO B 44 6.97 -6.40 2.68
CA PRO B 44 8.43 -6.34 2.54
C PRO B 44 9.04 -7.66 2.11
N LYS B 45 10.23 -7.56 1.51
CA LYS B 45 10.90 -8.72 0.94
C LYS B 45 12.36 -8.68 1.35
N LEU B 46 12.88 -9.80 1.86
CA LEU B 46 14.28 -9.87 2.24
C LEU B 46 15.15 -9.86 0.99
N LEU B 47 16.18 -9.02 1.00
CA LEU B 47 17.11 -8.96 -0.12
C LEU B 47 18.52 -9.37 0.31
N ILE B 48 19.07 -8.65 1.29
CA ILE B 48 20.41 -8.91 1.78
C ILE B 48 20.35 -9.41 3.23
N TYR B 49 21.07 -10.48 3.52
CA TYR B 49 21.24 -10.93 4.91
C TYR B 49 22.72 -11.01 5.22
N ASP B 50 23.07 -10.94 6.51
CA ASP B 50 24.47 -10.88 6.94
C ASP B 50 25.21 -9.73 6.26
N ALA B 51 24.49 -8.62 6.07
CA ALA B 51 25.05 -7.38 5.51
C ALA B 51 25.50 -7.43 4.04
N SER B 52 25.93 -8.60 3.55
CA SER B 52 26.52 -8.67 2.21
C SER B 52 26.06 -9.85 1.34
N ASN B 53 25.38 -10.83 1.95
CA ASN B 53 24.85 -11.96 1.19
C ASN B 53 23.43 -11.69 0.72
N LEU B 54 23.20 -11.74 -0.59
CA LEU B 54 21.84 -11.54 -1.10
C LEU B 54 21.03 -12.84 -1.16
N GLU B 55 19.73 -12.72 -0.90
CA GLU B 55 18.80 -13.84 -0.95
C GLU B 55 18.82 -14.48 -2.34
N THR B 56 18.38 -15.73 -2.42
CA THR B 56 18.44 -16.52 -3.66
C THR B 56 17.93 -15.81 -4.92
N GLY B 57 16.87 -15.02 -4.78
CA GLY B 57 16.24 -14.42 -5.94
C GLY B 57 16.75 -13.08 -6.42
N VAL B 58 17.40 -12.31 -5.54
CA VAL B 58 17.76 -10.92 -5.88
C VAL B 58 18.83 -10.79 -6.97
N PRO B 59 18.60 -9.86 -7.92
CA PRO B 59 19.46 -9.59 -9.08
C PRO B 59 20.84 -9.05 -8.72
N SER B 60 21.75 -9.05 -9.69
CA SER B 60 23.15 -8.68 -9.44
C SER B 60 23.35 -7.21 -9.09
N ARG B 61 22.40 -6.36 -9.49
CA ARG B 61 22.53 -4.93 -9.26
C ARG B 61 22.50 -4.56 -7.77
N PHE B 62 22.04 -5.49 -6.94
CA PHE B 62 22.03 -5.27 -5.50
C PHE B 62 23.32 -5.77 -4.84
N SER B 63 23.90 -4.94 -3.98
CA SER B 63 25.03 -5.38 -3.18
C SER B 63 24.98 -4.75 -1.80
N GLY B 64 25.46 -5.48 -0.80
CA GLY B 64 25.53 -4.97 0.55
C GLY B 64 26.97 -4.85 1.02
N SER B 65 27.26 -3.85 1.83
CA SER B 65 28.62 -3.60 2.29
C SER B 65 28.65 -2.97 3.66
N GLY B 66 29.85 -2.86 4.23
CA GLY B 66 30.01 -2.25 5.54
C GLY B 66 29.93 -3.22 6.70
N SER B 67 30.14 -2.70 7.90
CA SER B 67 30.10 -3.52 9.10
C SER B 67 29.98 -2.66 10.35
N GLY B 68 29.90 -3.32 11.50
CA GLY B 68 29.85 -2.65 12.78
C GLY B 68 28.71 -1.66 12.93
N THR B 69 29.01 -0.40 12.63
CA THR B 69 28.05 0.68 12.83
C THR B 69 27.58 1.30 11.52
N SER B 70 28.16 0.90 10.40
CA SER B 70 27.78 1.51 9.13
C SER B 70 27.57 0.47 8.03
N PHE B 71 26.40 0.51 7.40
CA PHE B 71 26.04 -0.48 6.41
C PHE B 71 25.50 0.20 5.15
N THR B 72 25.69 -0.43 4.01
CA THR B 72 25.31 0.17 2.74
C THR B 72 24.62 -0.82 1.82
N LEU B 73 23.46 -0.41 1.33
CA LEU B 73 22.79 -1.11 0.24
C LEU B 73 23.01 -0.30 -1.03
N THR B 74 23.50 -0.96 -2.08
CA THR B 74 23.80 -0.28 -3.33
C THR B 74 23.11 -0.96 -4.52
N ILE B 75 22.45 -0.14 -5.34
CA ILE B 75 21.91 -0.57 -6.62
C ILE B 75 22.76 0.03 -7.76
N SER B 76 23.59 -0.80 -8.37
CA SER B 76 24.58 -0.35 -9.34
C SER B 76 23.97 0.07 -10.67
N SER B 77 22.81 -0.49 -10.99
CA SER B 77 22.07 -0.11 -12.19
C SER B 77 20.58 -0.06 -11.89
N LEU B 78 20.11 1.08 -11.41
CA LEU B 78 18.73 1.25 -10.95
C LEU B 78 17.68 0.91 -12.00
N GLN B 79 16.74 0.03 -11.62
CA GLN B 79 15.64 -0.35 -12.49
C GLN B 79 14.32 0.06 -11.85
N PRO B 80 13.30 0.34 -12.67
CA PRO B 80 12.00 0.74 -12.15
C PRO B 80 11.34 -0.36 -11.32
N GLU B 81 11.83 -1.59 -11.44
CA GLU B 81 11.32 -2.69 -10.65
C GLU B 81 11.77 -2.55 -9.19
N ASP B 82 12.75 -1.70 -8.96
CA ASP B 82 13.30 -1.49 -7.63
C ASP B 82 12.58 -0.36 -6.89
N ILE B 83 11.56 0.21 -7.54
CA ILE B 83 10.72 1.23 -6.91
C ILE B 83 10.08 0.69 -5.65
N GLY B 84 10.24 1.41 -4.55
CA GLY B 84 9.67 1.00 -3.27
C GLY B 84 10.42 1.64 -2.12
N THR B 85 10.14 1.19 -0.91
CA THR B 85 10.81 1.70 0.28
C THR B 85 11.74 0.64 0.85
N TYR B 86 12.93 1.04 1.28
CA TYR B 86 13.90 0.07 1.78
C TYR B 86 14.16 0.23 3.27
N TYR B 87 14.25 -0.90 3.97
CA TYR B 87 14.44 -0.89 5.42
C TYR B 87 15.67 -1.70 5.81
N CYS B 88 16.44 -1.20 6.78
CA CYS B 88 17.49 -2.02 7.35
C CYS B 88 16.97 -2.53 8.69
N GLN B 89 17.51 -3.64 9.18
CA GLN B 89 17.18 -4.10 10.52
C GLN B 89 18.30 -4.91 11.16
N LYS B 90 18.42 -4.80 12.48
CA LYS B 90 19.39 -5.58 13.25
C LYS B 90 18.69 -6.80 13.81
N TYR B 91 19.04 -7.98 13.29
CA TYR B 91 18.45 -9.22 13.77
C TYR B 91 19.31 -9.88 14.84
N GLY B 92 18.87 -11.05 15.30
CA GLY B 92 19.58 -11.76 16.35
C GLY B 92 18.90 -11.58 17.70
N SER B 93 18.32 -10.41 17.93
CA SER B 93 17.78 -10.09 19.25
C SER B 93 16.61 -9.10 19.25
N VAL B 94 15.89 -9.11 20.37
CA VAL B 94 14.82 -8.16 20.67
C VAL B 94 15.37 -6.74 20.65
N PRO B 95 14.59 -5.78 20.11
CA PRO B 95 13.27 -5.93 19.47
C PRO B 95 13.32 -5.87 17.96
N PHE B 96 14.40 -6.36 17.36
CA PHE B 96 14.56 -6.35 15.90
C PHE B 96 14.24 -4.99 15.29
N PRO B 97 15.01 -3.95 15.68
CA PRO B 97 14.68 -2.58 15.27
C PRO B 97 14.89 -2.35 13.78
N PHE B 98 13.99 -1.62 13.15
CA PHE B 98 14.15 -1.24 11.74
C PHE B 98 14.59 0.21 11.64
N GLY B 99 15.22 0.57 10.52
CA GLY B 99 15.44 1.96 10.20
C GLY B 99 14.13 2.55 9.71
N GLN B 100 14.03 3.87 9.71
CA GLN B 100 12.77 4.53 9.34
C GLN B 100 12.40 4.34 7.87
N GLY B 101 13.35 3.91 7.05
CA GLY B 101 13.07 3.59 5.66
C GLY B 101 13.56 4.61 4.65
N THR B 102 13.75 4.18 3.42
CA THR B 102 14.18 5.03 2.33
C THR B 102 13.30 4.83 1.10
N LYS B 103 12.54 5.86 0.74
CA LYS B 103 11.70 5.78 -0.46
C LYS B 103 12.54 6.01 -1.71
N LEU B 104 12.50 5.05 -2.63
CA LEU B 104 13.31 5.13 -3.84
C LEU B 104 12.43 5.25 -5.09
N GLU B 105 12.73 6.25 -5.92
CA GLU B 105 11.93 6.49 -7.12
C GLU B 105 12.78 6.76 -8.36
N ILE B 106 12.13 6.67 -9.52
CA ILE B 106 12.82 6.75 -10.80
C ILE B 106 12.70 8.13 -11.44
N LYS B 107 13.85 8.69 -11.84
CA LYS B 107 13.85 9.85 -12.72
C LYS B 107 13.63 9.38 -14.15
N ARG B 108 12.71 10.03 -14.84
CA ARG B 108 12.26 9.56 -16.14
C ARG B 108 12.25 10.73 -17.11
N THR B 109 12.17 10.41 -18.40
CA THR B 109 11.93 11.41 -19.42
C THR B 109 10.54 12.01 -19.16
N VAL B 110 10.40 13.32 -19.34
CA VAL B 110 9.13 14.00 -19.07
C VAL B 110 7.99 13.42 -19.91
N ALA B 111 6.85 13.17 -19.28
CA ALA B 111 5.71 12.59 -19.96
C ALA B 111 4.43 13.38 -19.67
N ALA B 112 3.74 13.80 -20.73
CA ALA B 112 2.49 14.52 -20.60
C ALA B 112 1.36 13.58 -20.18
N PRO B 113 0.42 14.08 -19.35
CA PRO B 113 -0.64 13.22 -18.83
C PRO B 113 -1.84 13.15 -19.76
N SER B 114 -2.53 12.01 -19.78
CA SER B 114 -3.80 11.92 -20.47
C SER B 114 -4.91 12.30 -19.49
N VAL B 115 -5.67 13.34 -19.81
CA VAL B 115 -6.66 13.87 -18.88
C VAL B 115 -8.08 13.43 -19.22
N PHE B 116 -8.84 13.03 -18.20
CA PHE B 116 -10.23 12.60 -18.40
C PHE B 116 -11.14 13.27 -17.37
N ILE B 117 -12.40 13.51 -17.72
CA ILE B 117 -13.35 14.07 -16.76
C ILE B 117 -14.64 13.25 -16.67
N PHE B 118 -15.11 13.03 -15.46
CA PHE B 118 -16.30 12.21 -15.23
C PHE B 118 -17.35 13.00 -14.46
N PRO B 119 -18.55 13.12 -15.06
CA PRO B 119 -19.73 13.70 -14.42
C PRO B 119 -20.21 12.77 -13.33
N PRO B 120 -20.94 13.30 -12.34
CA PRO B 120 -21.54 12.47 -11.29
C PRO B 120 -22.52 11.45 -11.87
N SER B 121 -22.75 10.34 -11.19
CA SER B 121 -23.73 9.36 -11.65
C SER B 121 -25.14 9.76 -11.20
N ASP B 122 -26.15 9.30 -11.92
CA ASP B 122 -27.54 9.55 -11.53
C ASP B 122 -27.86 8.97 -10.16
N GLU B 123 -27.34 7.77 -9.91
CA GLU B 123 -27.57 7.07 -8.65
C GLU B 123 -27.09 7.90 -7.47
N GLN B 124 -25.90 8.48 -7.61
CA GLN B 124 -25.33 9.33 -6.58
C GLN B 124 -26.10 10.65 -6.44
N LEU B 125 -26.54 11.20 -7.57
CA LEU B 125 -27.32 12.43 -7.57
C LEU B 125 -28.63 12.26 -6.82
N LYS B 126 -29.21 11.07 -6.90
CA LYS B 126 -30.42 10.75 -6.14
C LYS B 126 -30.17 10.80 -4.63
N SER B 127 -28.92 10.56 -4.22
CA SER B 127 -28.57 10.55 -2.80
C SER B 127 -28.34 11.95 -2.24
N GLY B 128 -28.31 12.95 -3.11
CA GLY B 128 -28.11 14.33 -2.69
C GLY B 128 -26.70 14.85 -2.86
N THR B 129 -25.80 14.00 -3.36
CA THR B 129 -24.41 14.37 -3.58
C THR B 129 -24.03 14.34 -5.06
N ALA B 130 -22.90 14.98 -5.38
CA ALA B 130 -22.34 14.96 -6.72
C ALA B 130 -20.82 14.96 -6.64
N SER B 131 -20.19 13.94 -7.22
CA SER B 131 -18.74 13.89 -7.30
C SER B 131 -18.30 13.95 -8.75
N VAL B 132 -17.54 14.99 -9.10
CA VAL B 132 -16.96 15.10 -10.42
C VAL B 132 -15.49 14.69 -10.33
N VAL B 133 -15.04 13.82 -11.23
CA VAL B 133 -13.68 13.30 -11.11
C VAL B 133 -12.77 13.63 -12.30
N CYS B 134 -11.60 14.21 -12.01
CA CYS B 134 -10.61 14.49 -13.04
C CYS B 134 -9.46 13.49 -12.91
N LEU B 135 -9.15 12.82 -14.01
CA LEU B 135 -8.11 11.78 -14.01
C LEU B 135 -6.90 12.24 -14.81
N LEU B 136 -5.74 12.23 -14.16
CA LEU B 136 -4.48 12.51 -14.84
C LEU B 136 -3.72 11.20 -14.97
N ASN B 137 -3.48 10.76 -16.20
CA ASN B 137 -2.97 9.40 -16.41
C ASN B 137 -1.60 9.33 -17.05
N ASN B 138 -0.72 8.55 -16.41
CA ASN B 138 0.60 8.22 -16.93
C ASN B 138 1.44 9.44 -17.29
N PHE B 139 1.88 10.17 -16.27
CA PHE B 139 2.69 11.36 -16.46
C PHE B 139 3.94 11.35 -15.61
N TYR B 140 4.93 12.14 -16.02
CA TYR B 140 6.12 12.38 -15.23
C TYR B 140 6.62 13.79 -15.55
N PRO B 141 7.08 14.54 -14.52
CA PRO B 141 7.22 14.14 -13.11
C PRO B 141 5.91 14.17 -12.32
N ARG B 142 6.03 13.94 -11.02
CA ARG B 142 4.88 13.82 -10.13
C ARG B 142 4.17 15.14 -9.94
N GLU B 143 4.93 16.23 -9.98
CA GLU B 143 4.36 17.57 -9.78
C GLU B 143 3.37 17.92 -10.89
N ALA B 144 2.11 18.11 -10.50
CA ALA B 144 1.05 18.47 -11.43
C ALA B 144 0.00 19.29 -10.69
N LYS B 145 -0.55 20.32 -11.34
CA LYS B 145 -1.60 21.12 -10.73
C LYS B 145 -2.95 20.90 -11.41
N VAL B 146 -3.95 20.58 -10.59
CA VAL B 146 -5.32 20.44 -11.05
C VAL B 146 -6.15 21.58 -10.49
N GLN B 147 -6.85 22.29 -11.39
CA GLN B 147 -7.68 23.43 -11.02
C GLN B 147 -9.11 23.19 -11.47
N TRP B 148 -10.03 23.03 -10.52
CA TRP B 148 -11.44 22.89 -10.85
C TRP B 148 -12.06 24.24 -11.17
N LYS B 149 -12.87 24.27 -12.22
CA LYS B 149 -13.66 25.45 -12.57
C LYS B 149 -15.13 25.09 -12.67
N VAL B 150 -15.96 25.88 -12.00
CA VAL B 150 -17.40 25.74 -12.10
C VAL B 150 -17.96 27.02 -12.70
N ASP B 151 -18.28 26.97 -13.99
CA ASP B 151 -18.62 28.16 -14.77
C ASP B 151 -17.51 29.20 -14.70
N ASN B 152 -16.29 28.75 -15.02
CA ASN B 152 -15.08 29.58 -14.98
C ASN B 152 -14.72 30.20 -13.62
N ALA B 153 -15.54 29.92 -12.61
CA ALA B 153 -15.20 30.29 -11.25
C ALA B 153 -14.18 29.30 -10.71
N LEU B 154 -13.03 29.81 -10.25
CA LEU B 154 -11.96 28.96 -9.74
C LEU B 154 -12.30 28.35 -8.38
N GLN B 155 -12.11 27.05 -8.25
CA GLN B 155 -12.40 26.34 -7.01
C GLN B 155 -11.12 26.10 -6.22
N SER B 156 -11.23 26.03 -4.90
CA SER B 156 -10.09 25.75 -4.05
C SER B 156 -10.52 25.14 -2.72
N GLY B 157 -9.87 24.05 -2.31
CA GLY B 157 -10.16 23.42 -1.03
C GLY B 157 -11.35 22.48 -1.03
N ASN B 158 -12.26 22.65 -1.98
CA ASN B 158 -13.43 21.79 -2.07
C ASN B 158 -13.19 20.51 -2.89
N SER B 159 -11.92 20.17 -3.09
CA SER B 159 -11.57 18.95 -3.82
C SER B 159 -10.51 18.14 -3.07
N GLN B 160 -10.36 16.87 -3.45
CA GLN B 160 -9.33 16.03 -2.85
C GLN B 160 -8.59 15.19 -3.90
N GLU B 161 -7.27 15.08 -3.76
CA GLU B 161 -6.46 14.41 -4.76
C GLU B 161 -5.83 13.13 -4.23
N SER B 162 -5.49 12.22 -5.13
CA SER B 162 -4.76 11.02 -4.76
C SER B 162 -3.82 10.64 -5.89
N VAL B 163 -2.56 10.38 -5.56
CA VAL B 163 -1.59 10.00 -6.58
C VAL B 163 -1.12 8.56 -6.37
N THR B 164 -1.08 7.80 -7.45
CA THR B 164 -0.57 6.44 -7.42
C THR B 164 0.93 6.46 -7.13
N GLU B 165 1.43 5.38 -6.54
CA GLU B 165 2.88 5.22 -6.43
C GLU B 165 3.43 5.02 -7.83
N GLN B 166 4.72 5.30 -8.02
CA GLN B 166 5.33 5.18 -9.34
C GLN B 166 5.21 3.76 -9.90
N ASP B 167 4.55 3.63 -11.05
CA ASP B 167 4.37 2.35 -11.71
C ASP B 167 5.71 1.90 -12.27
N SER B 168 6.04 0.61 -12.10
CA SER B 168 7.33 0.10 -12.58
C SER B 168 7.35 -0.15 -14.08
N LYS B 169 6.16 -0.19 -14.69
CA LYS B 169 6.03 -0.50 -16.10
C LYS B 169 6.50 0.64 -17.01
N ASP B 170 6.26 1.87 -16.59
CA ASP B 170 6.58 3.04 -17.40
C ASP B 170 7.15 4.20 -16.57
N SER B 171 7.37 3.94 -15.29
CA SER B 171 7.93 4.92 -14.37
C SER B 171 7.07 6.19 -14.24
N THR B 172 5.78 6.07 -14.54
CA THR B 172 4.87 7.22 -14.48
C THR B 172 4.00 7.24 -13.22
N TYR B 173 3.31 8.35 -13.02
CA TYR B 173 2.35 8.49 -11.93
C TYR B 173 0.97 8.70 -12.52
N SER B 174 -0.07 8.41 -11.74
CA SER B 174 -1.43 8.81 -12.09
C SER B 174 -2.07 9.56 -10.92
N LEU B 175 -2.97 10.49 -11.24
CA LEU B 175 -3.62 11.32 -10.24
C LEU B 175 -5.13 11.30 -10.43
N SER B 176 -5.86 11.30 -9.32
CA SER B 176 -7.31 11.37 -9.35
C SER B 176 -7.79 12.49 -8.42
N SER B 177 -8.48 13.46 -9.00
CA SER B 177 -9.02 14.59 -8.24
C SER B 177 -10.54 14.49 -8.17
N THR B 178 -11.09 14.64 -6.97
CA THR B 178 -12.54 14.55 -6.78
C THR B 178 -13.09 15.85 -6.23
N LEU B 179 -14.01 16.45 -6.99
CA LEU B 179 -14.71 17.65 -6.56
C LEU B 179 -16.11 17.25 -6.12
N THR B 180 -16.41 17.42 -4.84
CA THR B 180 -17.71 17.00 -4.32
C THR B 180 -18.60 18.19 -3.93
N LEU B 181 -19.77 18.27 -4.54
CA LEU B 181 -20.74 19.32 -4.24
C LEU B 181 -22.07 18.68 -3.87
N SER B 182 -22.96 19.44 -3.25
CA SER B 182 -24.32 18.96 -3.04
C SER B 182 -25.03 18.96 -4.38
N LYS B 183 -26.01 18.07 -4.53
CA LYS B 183 -26.84 18.02 -5.73
C LYS B 183 -27.47 19.38 -6.03
N ALA B 184 -27.84 20.11 -4.98
CA ALA B 184 -28.44 21.42 -5.14
C ALA B 184 -27.44 22.44 -5.65
N ASP B 185 -26.24 22.45 -5.09
CA ASP B 185 -25.20 23.36 -5.57
C ASP B 185 -24.75 22.94 -6.97
N TYR B 186 -24.77 21.63 -7.22
CA TYR B 186 -24.36 21.09 -8.51
C TYR B 186 -25.31 21.50 -9.64
N GLU B 187 -26.61 21.37 -9.40
CA GLU B 187 -27.60 21.64 -10.44
C GLU B 187 -27.87 23.13 -10.67
N LYS B 188 -27.08 23.99 -10.03
CA LYS B 188 -27.20 25.42 -10.23
C LYS B 188 -26.26 25.90 -11.33
N HIS B 189 -25.28 25.07 -11.66
CA HIS B 189 -24.25 25.44 -12.62
C HIS B 189 -24.23 24.53 -13.83
N LYS B 190 -23.60 24.98 -14.91
CA LYS B 190 -23.66 24.28 -16.19
C LYS B 190 -22.33 23.65 -16.61
N VAL B 191 -21.29 24.47 -16.72
CA VAL B 191 -19.99 23.98 -17.20
C VAL B 191 -19.06 23.59 -16.07
N TYR B 192 -18.69 22.31 -16.02
CA TYR B 192 -17.71 21.83 -15.04
C TYR B 192 -16.42 21.46 -15.77
N ALA B 193 -15.30 21.98 -15.29
CA ALA B 193 -14.03 21.82 -15.99
C ALA B 193 -12.89 21.48 -15.06
N CYS B 194 -11.96 20.67 -15.54
CA CYS B 194 -10.69 20.48 -14.84
C CYS B 194 -9.57 20.97 -15.73
N GLU B 195 -8.74 21.86 -15.18
CA GLU B 195 -7.64 22.47 -15.91
C GLU B 195 -6.33 21.96 -15.34
N VAL B 196 -5.48 21.41 -16.20
CA VAL B 196 -4.27 20.75 -15.74
C VAL B 196 -3.00 21.43 -16.22
N THR B 197 -2.16 21.86 -15.27
CA THR B 197 -0.85 22.38 -15.62
C THR B 197 0.21 21.34 -15.24
N HIS B 198 1.07 21.00 -16.19
CA HIS B 198 2.11 20.00 -15.98
C HIS B 198 3.33 20.35 -16.82
N GLN B 199 4.51 19.91 -16.37
CA GLN B 199 5.76 20.20 -17.05
C GLN B 199 5.79 19.68 -18.49
N GLY B 200 5.12 18.55 -18.72
CA GLY B 200 5.07 17.97 -20.06
C GLY B 200 4.03 18.64 -20.92
N LEU B 201 3.32 19.62 -20.35
CA LEU B 201 2.30 20.35 -21.07
C LEU B 201 2.80 21.73 -21.47
N SER B 202 2.63 22.07 -22.75
CA SER B 202 3.00 23.38 -23.28
C SER B 202 2.20 24.49 -22.61
N SER B 203 0.95 24.18 -22.27
CA SER B 203 0.03 25.13 -21.68
C SER B 203 -1.08 24.33 -21.05
N PRO B 204 -1.75 24.92 -20.03
CA PRO B 204 -2.84 24.24 -19.31
C PRO B 204 -3.87 23.60 -20.25
N VAL B 205 -4.09 22.30 -20.09
CA VAL B 205 -5.12 21.59 -20.84
C VAL B 205 -6.41 21.51 -20.01
N THR B 206 -7.54 21.82 -20.63
CA THR B 206 -8.82 21.77 -19.91
C THR B 206 -9.73 20.68 -20.48
N LYS B 207 -10.33 19.90 -19.58
CA LYS B 207 -11.36 18.94 -19.94
C LYS B 207 -12.65 19.36 -19.27
N SER B 208 -13.71 19.59 -20.04
CA SER B 208 -14.94 20.10 -19.48
C SER B 208 -16.19 19.37 -19.99
N PHE B 209 -17.28 19.55 -19.28
CA PHE B 209 -18.57 19.04 -19.75
C PHE B 209 -19.69 19.96 -19.29
N ASN B 210 -20.79 19.93 -20.02
CA ASN B 210 -21.97 20.71 -19.66
C ASN B 210 -22.99 19.84 -18.95
N ARG B 211 -23.52 20.34 -17.84
CA ARG B 211 -24.50 19.62 -17.05
C ARG B 211 -25.76 19.36 -17.88
N GLY B 212 -26.13 18.10 -18.03
CA GLY B 212 -27.33 17.73 -18.77
C GLY B 212 -27.11 17.58 -20.27
N GLU B 213 -25.87 17.79 -20.70
CA GLU B 213 -25.54 17.65 -22.12
C GLU B 213 -24.55 16.52 -22.34
#